data_1F0R
#
_entry.id   1F0R
#
_cell.length_a   56.510
_cell.length_b   72.228
_cell.length_c   77.912
_cell.angle_alpha   90.00
_cell.angle_beta   90.00
_cell.angle_gamma   90.00
#
_symmetry.space_group_name_H-M   'P 21 21 21'
#
loop_
_entity.id
_entity.type
_entity.pdbx_description
1 polymer 'COAGULATION FACTOR XA'
2 polymer 'COAGULATION FACTOR XA'
3 non-polymer 'CALCIUM ION'
4 non-polymer 'THIENO[3,2-B]PYRIDINE-2-SULFONIC ACID [1-(1-AMINO-ISOQUINOLIN-7-YLMETHYL)-2-OXO-PYRROLDIN-3-YL]-AMIDE'
5 water water
#
loop_
_entity_poly.entity_id
_entity_poly.type
_entity_poly.pdbx_seq_one_letter_code
_entity_poly.pdbx_strand_id
1 'polypeptide(L)'
;IVGGQECKDGECPWQALLINEENEGFCGGTILSEFYILTAAHCLYQAKRFKVRVGDRNTEQEEGGEAVHEVEVVIKHNRF
TKETYDFDIAVLRLKTPITFRMNVAPACLPERDWAESTLMTQKTGIVSGFGRTHEKGRQSTRLKMLEVPYVDRNSCKLSS
SFIITQNMFCAGYDTKQEDACQGDSGGPHVTRFKDTYFVTGIVSWGEGCARKGKYGIYTKVTAFLKWIDRSMKTRGLPKA
KSHAPEVITSSPLK
;
A
2 'polypeptide(L)'
;EEMKKGHLERECMEETCSYEEAREVFEDSDKTNEFWNKYKDGDQCETSPCQNQGKCKDGLGEYTCTCLEGFEGKNCELFT
RKLCSLDNGDCDQFCHEEQNSVVCSCARGYTLADNGKACIPTGPYPCGKQTLER
;
B
#
loop_
_chem_comp.id
_chem_comp.type
_chem_comp.name
_chem_comp.formula
815 non-polymer 'THIENO[3,2-B]PYRIDINE-2-SULFONIC ACID [1-(1-AMINO-ISOQUINOLIN-7-YLMETHYL)-2-OXO-PYRROLDIN-3-YL]-AMIDE' 'C21 H19 N5 O3 S2'
CA non-polymer 'CALCIUM ION' 'Ca 2'
#
# COMPACT_ATOMS: atom_id res chain seq x y z
N ILE A 1 -9.13 -8.56 6.33
CA ILE A 1 -10.13 -7.99 5.36
C ILE A 1 -11.51 -8.59 5.60
N VAL A 2 -12.50 -7.72 5.78
CA VAL A 2 -13.88 -8.15 5.99
C VAL A 2 -14.52 -7.99 4.63
N GLY A 3 -15.25 -9.00 4.15
CA GLY A 3 -15.82 -8.90 2.82
C GLY A 3 -14.69 -9.02 1.77
N GLY A 4 -14.88 -8.43 0.59
CA GLY A 4 -13.84 -8.49 -0.43
C GLY A 4 -13.64 -9.90 -1.02
N GLN A 5 -12.50 -10.14 -1.64
CA GLN A 5 -12.23 -11.44 -2.26
C GLN A 5 -10.79 -11.87 -2.04
N GLU A 6 -10.55 -13.15 -2.30
CA GLU A 6 -9.21 -13.73 -2.24
C GLU A 6 -8.37 -13.07 -3.35
N CYS A 7 -7.08 -12.79 -3.09
CA CYS A 7 -6.27 -12.28 -4.17
C CYS A 7 -5.97 -13.52 -5.03
N LYS A 8 -6.23 -13.43 -6.32
CA LYS A 8 -5.97 -14.53 -7.20
C LYS A 8 -4.50 -14.51 -7.61
N ASP A 9 -4.04 -15.59 -8.23
CA ASP A 9 -2.64 -15.70 -8.58
C ASP A 9 -2.05 -14.50 -9.29
N GLY A 10 -0.99 -13.95 -8.74
CA GLY A 10 -0.37 -12.81 -9.41
C GLY A 10 -1.04 -11.43 -9.21
N GLU A 11 -2.23 -11.40 -8.59
CA GLU A 11 -2.99 -10.18 -8.36
C GLU A 11 -2.53 -9.17 -7.32
N CYS A 12 -1.80 -9.59 -6.30
CA CYS A 12 -1.37 -8.69 -5.25
C CYS A 12 0.07 -9.01 -4.97
N PRO A 13 0.92 -8.85 -5.97
CA PRO A 13 2.34 -9.19 -5.78
C PRO A 13 3.19 -8.36 -4.88
N TRP A 14 2.69 -7.16 -4.52
CA TRP A 14 3.46 -6.22 -3.65
C TRP A 14 3.17 -6.43 -2.16
N GLN A 15 2.26 -7.36 -1.86
CA GLN A 15 1.92 -7.68 -0.44
C GLN A 15 3.07 -8.37 0.27
N ALA A 16 3.46 -7.86 1.45
CA ALA A 16 4.49 -8.42 2.31
C ALA A 16 3.78 -8.79 3.58
N LEU A 17 4.30 -9.77 4.33
CA LEU A 17 3.69 -10.19 5.60
C LEU A 17 4.77 -10.20 6.66
N LEU A 18 4.55 -9.49 7.77
CA LEU A 18 5.54 -9.46 8.83
C LEU A 18 5.18 -10.64 9.70
N ILE A 19 6.17 -11.45 10.07
CA ILE A 19 5.90 -12.62 10.91
C ILE A 19 6.77 -12.61 12.14
N ASN A 20 6.21 -13.10 13.24
CA ASN A 20 6.96 -13.16 14.49
C ASN A 20 7.77 -14.47 14.65
N GLU A 21 8.48 -14.55 15.78
CA GLU A 21 9.34 -15.69 16.15
C GLU A 21 8.63 -17.02 15.98
N GLU A 22 7.33 -17.03 16.23
CA GLU A 22 6.54 -18.25 16.07
C GLU A 22 6.00 -18.41 14.64
N ASN A 23 6.57 -17.65 13.70
CA ASN A 23 6.14 -17.67 12.31
C ASN A 23 4.68 -17.28 12.02
N GLU A 24 4.08 -16.48 12.90
CA GLU A 24 2.69 -16.08 12.69
C GLU A 24 2.65 -14.67 12.08
N GLY A 25 1.73 -14.44 11.15
CA GLY A 25 1.66 -13.10 10.58
C GLY A 25 0.97 -12.14 11.55
N PHE A 26 1.56 -10.99 11.80
CA PHE A 26 0.89 -10.03 12.65
C PHE A 26 0.59 -8.69 11.98
N CYS A 27 1.25 -8.39 10.85
CA CYS A 27 0.99 -7.14 10.12
C CYS A 27 1.32 -7.29 8.63
N GLY A 28 0.96 -6.27 7.84
CA GLY A 28 1.21 -6.28 6.39
C GLY A 28 2.32 -5.32 6.04
N GLY A 29 2.64 -5.24 4.75
CA GLY A 29 3.68 -4.37 4.30
C GLY A 29 3.51 -4.29 2.79
N THR A 30 4.18 -3.33 2.17
CA THR A 30 4.12 -3.19 0.72
C THR A 30 5.54 -3.23 0.20
N ILE A 31 5.79 -4.01 -0.84
CA ILE A 31 7.13 -4.06 -1.43
C ILE A 31 7.35 -2.80 -2.26
N LEU A 32 8.38 -2.04 -1.96
CA LEU A 32 8.71 -0.80 -2.70
C LEU A 32 9.84 -1.01 -3.72
N SER A 33 10.73 -1.98 -3.40
CA SER A 33 11.87 -2.31 -4.25
C SER A 33 12.52 -3.62 -3.74
N GLU A 34 13.64 -4.00 -4.36
CA GLU A 34 14.28 -5.25 -3.95
C GLU A 34 14.72 -5.23 -2.50
N PHE A 35 15.08 -4.06 -1.97
CA PHE A 35 15.52 -3.94 -0.58
C PHE A 35 14.59 -3.31 0.46
N TYR A 36 13.52 -2.67 0.02
CA TYR A 36 12.64 -1.92 0.94
C TYR A 36 11.20 -2.27 1.00
N ILE A 37 10.72 -2.35 2.24
CA ILE A 37 9.32 -2.69 2.53
C ILE A 37 8.70 -1.49 3.26
N LEU A 38 7.48 -1.11 2.85
CA LEU A 38 6.73 -0.03 3.53
C LEU A 38 5.73 -0.67 4.48
N THR A 39 5.67 -0.19 5.72
CA THR A 39 4.71 -0.71 6.70
C THR A 39 4.25 0.41 7.71
N ALA A 40 3.44 0.06 8.71
CA ALA A 40 2.97 1.03 9.70
C ALA A 40 3.90 1.05 10.90
N ALA A 41 4.28 2.22 11.36
CA ALA A 41 5.13 2.31 12.54
C ALA A 41 4.52 1.60 13.73
N HIS A 42 3.19 1.59 13.87
CA HIS A 42 2.60 0.94 15.04
C HIS A 42 2.75 -0.57 15.06
N CYS A 43 3.07 -1.17 13.91
CA CYS A 43 3.27 -2.60 13.85
C CYS A 43 4.57 -2.99 14.56
N LEU A 44 5.53 -2.08 14.56
CA LEU A 44 6.83 -2.29 15.12
C LEU A 44 6.81 -2.45 16.63
N TYR A 45 5.69 -2.07 17.25
CA TYR A 45 5.56 -2.21 18.69
C TYR A 45 4.97 -3.60 18.98
N GLN A 46 4.55 -4.29 17.92
CA GLN A 46 3.90 -5.60 17.99
C GLN A 46 4.74 -6.89 18.13
N ALA A 47 6.06 -6.83 17.91
CA ALA A 47 6.87 -8.03 17.99
C ALA A 47 8.32 -7.78 18.39
N LYS A 48 8.87 -8.67 19.22
CA LYS A 48 10.25 -8.57 19.70
C LYS A 48 11.19 -8.59 18.51
N ARG A 49 11.01 -9.57 17.64
CA ARG A 49 11.82 -9.72 16.45
C ARG A 49 10.83 -10.24 15.42
N PHE A 50 11.04 -9.89 14.16
CA PHE A 50 10.16 -10.32 13.10
C PHE A 50 10.94 -10.31 11.79
N LYS A 51 10.43 -11.11 10.86
CA LYS A 51 10.97 -11.24 9.52
C LYS A 51 9.85 -10.83 8.59
N VAL A 52 10.19 -10.68 7.31
CA VAL A 52 9.23 -10.35 6.27
C VAL A 52 9.11 -11.53 5.28
N ARG A 53 7.89 -11.93 5.00
CA ARG A 53 7.62 -12.97 4.03
C ARG A 53 6.94 -12.37 2.79
N VAL A 54 7.42 -12.71 1.59
CA VAL A 54 6.82 -12.27 0.34
C VAL A 54 6.43 -13.48 -0.50
N GLY A 55 5.52 -13.27 -1.45
CA GLY A 55 5.04 -14.31 -2.33
C GLY A 55 4.02 -15.28 -1.72
N ASP A 56 3.58 -15.04 -0.50
CA ASP A 56 2.63 -15.96 0.15
C ASP A 56 1.19 -15.60 -0.08
N ARG A 57 0.36 -16.57 -0.44
CA ARG A 57 -1.06 -16.31 -0.61
C ARG A 57 -1.90 -17.17 0.31
N ASN A 58 -1.30 -18.23 0.86
CA ASN A 58 -2.03 -19.18 1.73
C ASN A 58 -1.09 -19.66 2.78
N THR A 59 -1.23 -19.15 4.01
CA THR A 59 -0.36 -19.55 5.10
C THR A 59 -0.51 -21.01 5.53
N GLU A 60 -1.44 -21.75 4.94
CA GLU A 60 -1.64 -23.14 5.33
C GLU A 60 -0.68 -24.08 4.64
N GLN A 61 -0.05 -23.62 3.57
CA GLN A 61 0.88 -24.47 2.86
C GLN A 61 1.90 -23.79 2.00
N GLU A 62 3.14 -24.22 2.16
CA GLU A 62 4.23 -23.69 1.36
C GLU A 62 3.83 -24.07 -0.08
N GLU A 63 3.86 -23.09 -0.98
CA GLU A 63 3.49 -23.31 -2.38
C GLU A 63 4.74 -23.37 -3.25
N GLY A 64 5.76 -22.62 -2.85
CA GLY A 64 6.97 -22.62 -3.62
C GLY A 64 7.45 -21.23 -3.95
N GLY A 65 6.54 -20.30 -4.18
CA GLY A 65 6.95 -18.94 -4.49
C GLY A 65 7.30 -18.03 -3.33
N GLU A 66 7.11 -18.51 -2.10
CA GLU A 66 7.38 -17.71 -0.90
C GLU A 66 8.84 -17.53 -0.57
N ALA A 67 9.16 -16.46 0.16
CA ALA A 67 10.52 -16.22 0.54
C ALA A 67 10.52 -15.36 1.80
N VAL A 68 11.32 -15.78 2.78
CA VAL A 68 11.47 -15.09 4.04
C VAL A 68 12.73 -14.26 3.96
N HIS A 69 12.64 -13.06 4.53
CA HIS A 69 13.74 -12.13 4.51
C HIS A 69 13.89 -11.51 5.89
N GLU A 70 15.13 -11.46 6.37
CA GLU A 70 15.41 -10.87 7.64
C GLU A 70 15.60 -9.39 7.43
N VAL A 71 15.30 -8.66 8.47
CA VAL A 71 15.38 -7.22 8.43
C VAL A 71 16.74 -6.72 8.87
N GLU A 72 17.33 -5.86 8.07
CA GLU A 72 18.61 -5.25 8.41
C GLU A 72 18.44 -3.89 9.16
N VAL A 73 17.50 -3.05 8.73
CA VAL A 73 17.29 -1.77 9.38
C VAL A 73 15.81 -1.42 9.43
N VAL A 74 15.35 -0.98 10.59
CA VAL A 74 13.97 -0.58 10.77
C VAL A 74 14.03 0.94 10.84
N ILE A 75 13.43 1.63 9.87
CA ILE A 75 13.43 3.10 9.89
C ILE A 75 11.98 3.56 10.24
N LYS A 76 11.75 3.90 11.51
CA LYS A 76 10.44 4.35 12.01
C LYS A 76 10.38 5.87 11.91
N HIS A 77 9.19 6.44 11.65
CA HIS A 77 9.09 7.90 11.56
C HIS A 77 9.41 8.51 12.93
N ASN A 78 10.31 9.50 12.95
CA ASN A 78 10.69 10.18 14.21
C ASN A 78 9.46 10.79 14.93
N ARG A 79 8.53 11.36 14.17
CA ARG A 79 7.33 11.99 14.73
C ARG A 79 6.12 11.06 14.98
N PHE A 80 6.30 9.73 15.00
CA PHE A 80 5.15 8.80 15.20
C PHE A 80 4.69 8.76 16.64
N THR A 81 3.38 8.82 16.85
CA THR A 81 2.86 8.79 18.23
C THR A 81 1.75 7.75 18.48
N LYS A 82 2.09 6.81 19.34
CA LYS A 82 1.16 5.76 19.68
C LYS A 82 -0.16 6.32 20.14
N GLU A 83 -0.14 7.49 20.77
CA GLU A 83 -1.36 8.06 21.32
C GLU A 83 -2.45 8.52 20.34
N THR A 84 -2.05 9.07 19.20
CA THR A 84 -2.98 9.58 18.21
C THR A 84 -2.97 8.79 16.91
N TYR A 85 -1.95 7.96 16.73
CA TYR A 85 -1.74 7.14 15.52
C TYR A 85 -1.31 8.01 14.40
N ASP A 86 -0.70 9.15 14.72
CA ASP A 86 -0.26 10.09 13.70
C ASP A 86 1.13 9.68 13.27
N PHE A 87 1.49 9.98 12.01
CA PHE A 87 2.79 9.61 11.45
C PHE A 87 2.97 8.08 11.55
N ASP A 88 1.98 7.30 11.13
CA ASP A 88 2.00 5.85 11.24
C ASP A 88 2.63 5.29 9.97
N ILE A 89 3.95 5.45 9.89
CA ILE A 89 4.69 4.97 8.73
C ILE A 89 6.11 4.53 9.15
N ALA A 90 6.62 3.51 8.47
CA ALA A 90 7.96 2.98 8.73
C ALA A 90 8.49 2.29 7.45
N VAL A 91 9.78 2.36 7.22
CA VAL A 91 10.43 1.72 6.08
C VAL A 91 11.42 0.63 6.63
N LEU A 92 11.38 -0.56 6.03
CA LEU A 92 12.26 -1.68 6.43
C LEU A 92 13.30 -1.96 5.37
N ARG A 93 14.59 -1.93 5.70
CA ARG A 93 15.60 -2.31 4.70
C ARG A 93 15.88 -3.81 4.93
N LEU A 94 15.79 -4.63 3.89
CA LEU A 94 16.05 -6.07 4.05
C LEU A 94 17.55 -6.44 3.97
N LYS A 95 17.95 -7.48 4.70
CA LYS A 95 19.36 -7.92 4.63
C LYS A 95 19.69 -8.43 3.19
N THR A 96 18.81 -9.22 2.58
CA THR A 96 19.07 -9.70 1.23
C THR A 96 17.98 -9.20 0.28
N PRO A 97 18.34 -8.98 -0.99
CA PRO A 97 17.37 -8.48 -1.97
C PRO A 97 16.27 -9.42 -2.32
N ILE A 98 15.08 -8.86 -2.56
CA ILE A 98 13.97 -9.69 -2.96
C ILE A 98 14.14 -9.97 -4.44
N THR A 99 13.85 -11.21 -4.84
CA THR A 99 13.93 -11.59 -6.23
C THR A 99 12.51 -11.61 -6.75
N PHE A 100 12.20 -10.71 -7.70
CA PHE A 100 10.84 -10.61 -8.24
C PHE A 100 10.47 -11.84 -9.07
N ARG A 101 9.21 -12.23 -9.02
CA ARG A 101 8.80 -13.41 -9.74
C ARG A 101 7.30 -13.39 -9.62
N MET A 102 6.67 -14.46 -10.07
CA MET A 102 5.23 -14.55 -9.98
C MET A 102 4.87 -14.32 -8.48
N ASN A 103 3.86 -13.46 -8.22
CA ASN A 103 3.38 -13.04 -6.90
C ASN A 103 4.37 -12.24 -6.09
N VAL A 104 5.48 -11.82 -6.67
CA VAL A 104 6.46 -11.03 -5.93
C VAL A 104 6.93 -9.87 -6.85
N ALA A 105 6.48 -8.63 -6.57
CA ALA A 105 6.85 -7.51 -7.43
C ALA A 105 6.53 -6.21 -6.62
N PRO A 106 7.23 -5.11 -6.91
CA PRO A 106 6.98 -3.86 -6.15
C PRO A 106 5.79 -3.06 -6.66
N ALA A 107 5.23 -2.18 -5.81
CA ALA A 107 4.13 -1.29 -6.26
C ALA A 107 4.87 0.04 -6.61
N CYS A 108 4.37 0.85 -7.52
CA CYS A 108 5.10 2.08 -7.86
C CYS A 108 4.84 3.20 -6.86
N LEU A 109 5.84 4.04 -6.64
CA LEU A 109 5.67 5.20 -5.75
C LEU A 109 5.27 6.33 -6.70
N PRO A 110 4.15 7.03 -6.41
CA PRO A 110 3.77 8.12 -7.32
C PRO A 110 4.50 9.41 -6.96
N GLU A 111 4.28 10.45 -7.74
CA GLU A 111 4.79 11.79 -7.40
C GLU A 111 3.61 12.41 -6.61
N ARG A 112 3.89 13.26 -5.62
CA ARG A 112 2.85 13.85 -4.76
C ARG A 112 1.73 14.61 -5.48
N ASP A 113 2.08 15.67 -6.19
CA ASP A 113 1.05 16.43 -6.83
C ASP A 113 0.20 15.62 -7.74
N TRP A 114 0.82 14.89 -8.67
CA TRP A 114 -0.02 14.10 -9.57
C TRP A 114 -0.85 13.08 -8.75
N ALA A 115 -0.26 12.47 -7.75
CA ALA A 115 -1.00 11.47 -6.96
C ALA A 115 -2.29 12.11 -6.33
N GLU A 116 -2.08 13.27 -5.71
CA GLU A 116 -3.19 13.99 -5.04
C GLU A 116 -4.23 14.44 -6.04
N SER A 117 -3.82 14.94 -7.21
CA SER A 117 -4.81 15.37 -8.19
C SER A 117 -5.52 14.27 -8.99
N THR A 118 -4.79 13.20 -9.31
CA THR A 118 -5.30 12.11 -10.16
C THR A 118 -5.55 10.73 -9.55
N LEU A 119 -4.82 10.35 -8.52
CA LEU A 119 -5.02 9.04 -7.91
C LEU A 119 -6.07 9.12 -6.78
N MET A 120 -5.84 9.99 -5.82
CA MET A 120 -6.79 10.10 -4.72
C MET A 120 -8.11 10.73 -5.12
N THR A 121 -8.23 11.01 -6.41
CA THR A 121 -9.41 11.58 -7.03
C THR A 121 -10.24 10.46 -7.68
N GLN A 122 -9.58 9.30 -7.84
CA GLN A 122 -10.21 8.10 -8.42
C GLN A 122 -11.35 7.73 -7.52
N LYS A 123 -12.25 6.90 -8.02
CA LYS A 123 -13.39 6.47 -7.23
C LYS A 123 -12.93 5.57 -6.08
N THR A 124 -12.05 4.62 -6.40
CA THR A 124 -11.59 3.64 -5.42
C THR A 124 -10.11 3.37 -5.42
N GLY A 125 -9.69 2.66 -4.36
CA GLY A 125 -8.33 2.21 -4.14
C GLY A 125 -8.46 0.72 -3.75
N ILE A 126 -7.37 0.00 -3.48
CA ILE A 126 -7.49 -1.43 -3.12
C ILE A 126 -6.65 -1.77 -1.90
N VAL A 127 -7.25 -2.43 -0.94
CA VAL A 127 -6.53 -2.73 0.26
C VAL A 127 -6.41 -4.27 0.30
N SER A 128 -5.38 -4.78 0.94
CA SER A 128 -5.27 -6.24 0.95
C SER A 128 -4.50 -6.71 2.17
N GLY A 129 -4.72 -7.98 2.54
CA GLY A 129 -4.03 -8.51 3.71
C GLY A 129 -4.53 -9.83 4.22
N PHE A 130 -3.83 -10.35 5.23
CA PHE A 130 -4.17 -11.62 5.88
C PHE A 130 -4.88 -11.38 7.24
N GLY A 131 -5.31 -10.16 7.52
CA GLY A 131 -5.98 -9.88 8.79
C GLY A 131 -7.34 -10.52 9.01
N ARG A 132 -7.98 -10.17 10.13
CA ARG A 132 -9.30 -10.76 10.46
C ARG A 132 -10.34 -10.56 9.40
N THR A 133 -11.21 -11.55 9.26
CA THR A 133 -12.30 -11.43 8.31
C THR A 133 -13.64 -10.99 8.98
N HIS A 134 -13.58 -10.73 10.29
CA HIS A 134 -14.72 -10.23 11.08
C HIS A 134 -14.10 -9.51 12.26
N GLU A 135 -14.77 -8.48 12.76
CA GLU A 135 -14.21 -7.74 13.87
C GLU A 135 -13.66 -8.59 15.01
N LYS A 136 -14.40 -9.62 15.42
CA LYS A 136 -13.91 -10.47 16.52
C LYS A 136 -13.23 -11.82 16.11
N GLY A 137 -13.21 -12.15 14.83
CA GLY A 137 -12.62 -13.39 14.36
C GLY A 137 -11.10 -13.58 14.47
N ARG A 138 -10.59 -14.64 13.83
CA ARG A 138 -9.16 -14.94 13.84
C ARG A 138 -8.56 -14.42 12.52
N GLN A 139 -7.23 -14.40 12.44
CA GLN A 139 -6.45 -13.97 11.28
C GLN A 139 -6.80 -14.81 10.04
N SER A 140 -6.84 -14.19 8.86
CA SER A 140 -7.15 -14.94 7.66
C SER A 140 -5.96 -15.82 7.26
N THR A 141 -6.30 -16.92 6.64
CA THR A 141 -5.27 -17.87 6.22
C THR A 141 -4.90 -17.60 4.76
N ARG A 142 -5.83 -16.96 4.05
CA ARG A 142 -5.64 -16.60 2.65
C ARG A 142 -5.57 -15.07 2.46
N LEU A 143 -4.68 -14.64 1.58
CA LEU A 143 -4.52 -13.23 1.26
C LEU A 143 -5.80 -12.73 0.57
N LYS A 144 -6.36 -11.62 1.05
CA LYS A 144 -7.56 -11.09 0.41
C LYS A 144 -7.33 -9.63 -0.05
N MET A 145 -8.19 -9.14 -0.93
CA MET A 145 -8.09 -7.75 -1.39
C MET A 145 -9.52 -7.22 -1.39
N LEU A 146 -9.67 -5.90 -1.29
CA LEU A 146 -11.00 -5.28 -1.24
C LEU A 146 -10.93 -3.93 -1.90
N GLU A 147 -11.89 -3.64 -2.75
CA GLU A 147 -11.96 -2.34 -3.36
C GLU A 147 -12.60 -1.37 -2.34
N VAL A 148 -11.91 -0.28 -1.96
CA VAL A 148 -12.51 0.67 -1.00
C VAL A 148 -12.62 2.09 -1.58
N PRO A 149 -13.85 2.63 -1.61
CA PRO A 149 -14.08 3.99 -2.13
C PRO A 149 -13.35 5.03 -1.32
N TYR A 150 -12.82 6.03 -2.00
CA TYR A 150 -12.17 7.14 -1.30
C TYR A 150 -13.38 7.82 -0.59
N VAL A 151 -13.17 8.33 0.61
CA VAL A 151 -14.21 8.97 1.40
C VAL A 151 -13.93 10.48 1.58
N ASP A 152 -14.95 11.30 1.29
CA ASP A 152 -14.86 12.74 1.44
C ASP A 152 -14.22 13.04 2.80
N ARG A 153 -13.21 13.88 2.80
CA ARG A 153 -12.49 14.23 4.01
C ARG A 153 -13.39 14.78 5.16
N ASN A 154 -14.41 15.56 4.80
CA ASN A 154 -15.29 16.15 5.80
C ASN A 154 -16.20 15.11 6.44
N SER A 155 -16.88 14.27 5.66
CA SER A 155 -17.69 13.26 6.31
C SER A 155 -16.77 12.34 7.13
N CYS A 156 -15.56 12.11 6.63
CA CYS A 156 -14.66 11.25 7.35
C CYS A 156 -14.40 11.85 8.74
N LYS A 157 -14.01 13.11 8.77
CA LYS A 157 -13.75 13.78 10.05
C LYS A 157 -14.98 13.75 10.99
N LEU A 158 -16.16 13.98 10.45
CA LEU A 158 -17.38 13.96 11.29
C LEU A 158 -17.72 12.56 11.87
N SER A 159 -17.43 11.52 11.10
CA SER A 159 -17.70 10.14 11.51
C SER A 159 -16.79 9.61 12.62
N SER A 160 -15.62 10.17 12.75
CA SER A 160 -14.64 9.64 13.70
C SER A 160 -14.64 10.20 15.14
N SER A 161 -14.44 9.32 16.12
CA SER A 161 -14.39 9.73 17.51
C SER A 161 -13.04 10.33 17.81
N PHE A 162 -12.08 10.07 16.92
CA PHE A 162 -10.73 10.58 17.11
C PHE A 162 -10.29 11.50 15.99
N ILE A 163 -9.33 12.36 16.27
CA ILE A 163 -8.84 13.32 15.30
C ILE A 163 -8.22 12.68 14.04
N ILE A 164 -8.74 13.07 12.88
CA ILE A 164 -8.21 12.63 11.61
C ILE A 164 -7.15 13.67 11.25
N THR A 165 -5.87 13.33 11.47
CA THR A 165 -4.84 14.29 11.15
C THR A 165 -4.64 14.43 9.67
N GLN A 166 -3.79 15.38 9.30
CA GLN A 166 -3.50 15.66 7.90
C GLN A 166 -2.62 14.56 7.25
N ASN A 167 -2.10 13.65 8.08
CA ASN A 167 -1.30 12.49 7.66
C ASN A 167 -2.18 11.24 7.53
N MET A 168 -3.50 11.45 7.47
CA MET A 168 -4.43 10.33 7.35
C MET A 168 -5.53 10.62 6.36
N PHE A 169 -6.17 9.55 5.85
CA PHE A 169 -7.31 9.70 4.98
C PHE A 169 -8.23 8.54 5.20
N CYS A 170 -9.41 8.63 4.62
CA CYS A 170 -10.46 7.67 4.83
C CYS A 170 -10.88 6.91 3.61
N ALA A 171 -11.25 5.65 3.80
CA ALA A 171 -11.75 4.86 2.68
C ALA A 171 -12.60 3.73 3.20
N GLY A 172 -13.54 3.29 2.39
CA GLY A 172 -14.34 2.23 2.93
C GLY A 172 -15.78 2.57 2.69
N TYR A 173 -16.65 2.02 3.55
CA TYR A 173 -18.09 2.19 3.43
C TYR A 173 -18.73 2.63 4.72
N ASP A 174 -19.85 3.35 4.58
CA ASP A 174 -20.58 3.82 5.74
C ASP A 174 -21.24 2.64 6.47
N THR A 175 -22.09 1.92 5.77
CA THR A 175 -22.74 0.81 6.45
C THR A 175 -22.37 -0.59 5.88
N LYS A 176 -22.00 -0.68 4.61
CA LYS A 176 -21.67 -1.97 3.98
C LYS A 176 -20.56 -2.68 4.77
N GLN A 177 -20.71 -3.99 4.96
CA GLN A 177 -19.75 -4.78 5.75
C GLN A 177 -18.45 -5.20 5.04
N GLU A 178 -17.57 -4.23 4.78
CA GLU A 178 -16.30 -4.50 4.13
C GLU A 178 -15.36 -3.47 4.67
N ASP A 179 -14.13 -3.85 4.98
CA ASP A 179 -13.19 -2.91 5.54
C ASP A 179 -11.94 -3.73 5.82
N ALA A 180 -10.80 -3.07 6.05
CA ALA A 180 -9.62 -3.81 6.45
C ALA A 180 -9.93 -4.08 7.93
N CYS A 181 -9.08 -4.81 8.63
CA CYS A 181 -9.32 -5.12 10.04
C CYS A 181 -8.02 -5.50 10.71
N GLN A 182 -8.05 -5.92 11.97
CA GLN A 182 -6.81 -6.26 12.69
C GLN A 182 -5.97 -7.35 11.95
N GLY A 183 -4.67 -7.15 11.89
CA GLY A 183 -3.80 -8.04 11.16
C GLY A 183 -3.46 -7.42 9.79
N ASP A 184 -4.35 -6.59 9.25
CA ASP A 184 -4.09 -5.97 7.94
C ASP A 184 -3.20 -4.72 8.06
N SER A 185 -2.98 -4.24 9.28
CA SER A 185 -2.20 -3.00 9.48
C SER A 185 -0.84 -3.04 8.84
N GLY A 186 -0.39 -1.92 8.26
CA GLY A 186 0.92 -1.87 7.61
C GLY A 186 0.88 -2.32 6.13
N GLY A 187 -0.23 -2.95 5.78
CA GLY A 187 -0.53 -3.45 4.47
C GLY A 187 -0.73 -2.34 3.43
N PRO A 188 -0.81 -2.73 2.14
CA PRO A 188 -0.98 -1.84 1.01
C PRO A 188 -2.36 -1.26 0.75
N HIS A 189 -2.39 0.02 0.39
CA HIS A 189 -3.61 0.63 -0.13
C HIS A 189 -3.00 1.14 -1.45
N VAL A 190 -3.48 0.65 -2.58
CA VAL A 190 -2.92 1.09 -3.84
C VAL A 190 -4.05 1.57 -4.74
N THR A 191 -3.70 2.41 -5.70
CA THR A 191 -4.73 2.90 -6.63
C THR A 191 -4.30 2.56 -8.03
N ARG A 192 -5.21 1.98 -8.78
CA ARG A 192 -4.94 1.59 -10.12
C ARG A 192 -5.12 2.73 -11.10
N PHE A 193 -4.18 2.87 -12.05
CA PHE A 193 -4.29 3.90 -13.09
C PHE A 193 -3.75 3.33 -14.40
N LYS A 194 -4.60 3.15 -15.41
CA LYS A 194 -4.19 2.56 -16.70
C LYS A 194 -3.42 1.23 -16.48
N ASP A 195 -3.98 0.39 -15.64
CA ASP A 195 -3.40 -0.91 -15.34
C ASP A 195 -2.10 -0.88 -14.63
N THR A 196 -1.75 0.25 -14.05
CA THR A 196 -0.55 0.30 -13.26
C THR A 196 -0.98 0.68 -11.83
N TYR A 197 -0.49 -0.06 -10.82
CA TYR A 197 -0.88 0.18 -9.44
C TYR A 197 0.16 1.01 -8.66
N PHE A 198 -0.34 2.08 -8.05
CA PHE A 198 0.54 3.00 -7.28
C PHE A 198 0.21 2.97 -5.82
N VAL A 199 1.22 3.03 -4.96
CA VAL A 199 0.97 3.00 -3.55
C VAL A 199 0.41 4.36 -3.05
N THR A 200 -0.77 4.34 -2.45
CA THR A 200 -1.45 5.54 -1.99
C THR A 200 -1.72 5.64 -0.48
N GLY A 201 -1.61 4.53 0.26
CA GLY A 201 -1.86 4.56 1.68
C GLY A 201 -1.27 3.35 2.39
N ILE A 202 -1.25 3.41 3.70
CA ILE A 202 -0.77 2.29 4.50
C ILE A 202 -1.94 1.96 5.47
N VAL A 203 -2.39 0.71 5.54
CA VAL A 203 -3.47 0.33 6.46
C VAL A 203 -3.08 0.80 7.89
N SER A 204 -3.95 1.63 8.47
CA SER A 204 -3.61 2.16 9.78
C SER A 204 -4.52 1.78 10.94
N TRP A 205 -5.77 2.24 10.94
CA TRP A 205 -6.63 1.92 12.05
C TRP A 205 -8.06 2.15 11.70
N GLY A 206 -8.92 1.96 12.70
CA GLY A 206 -10.35 2.16 12.55
C GLY A 206 -10.95 1.84 13.90
N GLU A 207 -12.24 2.12 14.09
CA GLU A 207 -12.94 1.86 15.38
C GLU A 207 -13.67 0.54 15.17
N GLY A 208 -13.06 -0.55 15.62
CA GLY A 208 -13.65 -1.85 15.33
C GLY A 208 -13.36 -2.09 13.84
N CYS A 209 -14.17 -2.87 13.15
CA CYS A 209 -13.95 -3.09 11.73
C CYS A 209 -15.30 -3.17 11.09
N ALA A 210 -15.45 -2.53 9.94
CA ALA A 210 -16.70 -2.54 9.19
C ALA A 210 -17.91 -2.00 9.95
N ARG A 211 -17.66 -1.23 11.01
CA ARG A 211 -18.75 -0.66 11.79
C ARG A 211 -19.62 0.38 11.03
N LYS A 212 -20.92 0.35 11.31
CA LYS A 212 -21.84 1.31 10.66
C LYS A 212 -21.46 2.74 11.05
N GLY A 213 -21.39 3.63 10.06
CA GLY A 213 -21.01 4.99 10.36
C GLY A 213 -19.51 5.24 10.58
N LYS A 214 -18.68 4.20 10.47
CA LYS A 214 -17.23 4.37 10.65
C LYS A 214 -16.49 3.95 9.36
N TYR A 215 -15.32 4.53 9.13
CA TYR A 215 -14.54 4.19 7.92
C TYR A 215 -13.19 3.65 8.35
N GLY A 216 -12.40 3.22 7.35
CA GLY A 216 -11.06 2.68 7.58
C GLY A 216 -10.11 3.84 7.45
N ILE A 217 -9.16 3.90 8.35
CA ILE A 217 -8.24 4.99 8.31
C ILE A 217 -6.85 4.51 7.83
N TYR A 218 -6.30 5.27 6.88
CA TYR A 218 -5.02 4.99 6.20
C TYR A 218 -4.01 6.11 6.33
N THR A 219 -2.72 5.78 6.44
CA THR A 219 -1.67 6.77 6.47
C THR A 219 -1.64 7.35 5.05
N LYS A 220 -1.50 8.68 4.95
CA LYS A 220 -1.54 9.32 3.65
C LYS A 220 -0.15 9.29 3.07
N VAL A 221 0.11 8.32 2.21
CA VAL A 221 1.44 8.19 1.66
C VAL A 221 1.98 9.40 0.92
N THR A 222 1.12 10.11 0.20
CA THR A 222 1.57 11.26 -0.57
C THR A 222 2.19 12.36 0.26
N ALA A 223 2.01 12.30 1.58
CA ALA A 223 2.52 13.32 2.50
C ALA A 223 3.89 12.92 3.03
N PHE A 224 4.32 11.70 2.74
CA PHE A 224 5.62 11.22 3.21
C PHE A 224 6.52 10.77 2.10
N LEU A 225 6.20 11.18 0.88
CA LEU A 225 6.98 10.75 -0.26
C LEU A 225 8.42 11.20 -0.19
N LYS A 226 8.68 12.36 0.39
CA LYS A 226 10.07 12.79 0.47
C LYS A 226 10.75 11.99 1.53
N TRP A 227 10.02 11.74 2.61
CA TRP A 227 10.54 10.97 3.74
C TRP A 227 10.87 9.52 3.32
N ILE A 228 10.04 8.97 2.44
CA ILE A 228 10.27 7.62 1.95
C ILE A 228 11.56 7.67 1.09
N ASP A 229 11.62 8.57 0.13
CA ASP A 229 12.79 8.70 -0.70
C ASP A 229 14.08 8.77 0.14
N ARG A 230 14.06 9.54 1.23
CA ARG A 230 15.24 9.66 2.08
C ARG A 230 15.53 8.36 2.78
N SER A 231 14.50 7.72 3.26
CA SER A 231 14.67 6.45 3.94
C SER A 231 15.31 5.35 3.01
N MET A 232 14.93 5.35 1.73
CA MET A 232 15.44 4.36 0.82
C MET A 232 16.85 4.74 0.30
N LYS A 233 17.24 6.00 0.46
CA LYS A 233 18.55 6.44 -0.02
C LYS A 233 19.62 6.06 1.00
N THR A 234 19.19 5.68 2.19
CA THR A 234 20.12 5.28 3.23
C THR A 234 19.82 3.84 3.63
N LEU B 83 -5.18 20.60 -20.27
CA LEU B 83 -3.78 20.07 -20.16
C LEU B 83 -3.84 18.80 -19.26
N CYS B 84 -3.12 18.78 -18.16
CA CYS B 84 -3.13 17.60 -17.33
C CYS B 84 -4.49 17.28 -16.76
N SER B 85 -5.45 18.22 -16.74
CA SER B 85 -6.78 17.87 -16.21
C SER B 85 -7.63 17.29 -17.32
N LEU B 86 -7.15 17.36 -18.54
CA LEU B 86 -7.94 16.75 -19.61
C LEU B 86 -7.34 15.35 -19.84
N ASP B 87 -8.02 14.31 -19.37
CA ASP B 87 -7.56 12.91 -19.52
C ASP B 87 -6.05 12.71 -19.23
N ASN B 88 -5.60 13.23 -18.10
CA ASN B 88 -4.22 13.13 -17.64
C ASN B 88 -3.22 13.57 -18.70
N GLY B 89 -3.67 14.45 -19.58
CA GLY B 89 -2.73 14.99 -20.57
C GLY B 89 -2.32 13.97 -21.63
N ASP B 90 -3.02 12.85 -21.70
CA ASP B 90 -2.69 11.75 -22.64
C ASP B 90 -1.43 10.99 -22.16
N CYS B 91 -0.92 11.34 -20.97
CA CYS B 91 0.25 10.66 -20.42
C CYS B 91 -0.16 9.31 -19.82
N ASP B 92 0.75 8.33 -19.87
CA ASP B 92 0.49 7.00 -19.30
C ASP B 92 0.55 7.16 -17.77
N GLN B 93 1.48 7.98 -17.28
CA GLN B 93 1.60 8.11 -15.84
C GLN B 93 1.57 9.56 -15.35
N PHE B 94 2.71 10.05 -14.87
CA PHE B 94 2.84 11.39 -14.34
C PHE B 94 2.64 12.48 -15.38
N CYS B 95 1.82 13.49 -15.04
CA CYS B 95 1.57 14.64 -15.91
C CYS B 95 1.91 15.91 -15.11
N HIS B 96 2.65 16.82 -15.75
CA HIS B 96 3.09 18.12 -15.22
C HIS B 96 2.78 19.18 -16.30
N GLU B 97 2.25 20.33 -15.89
CA GLU B 97 1.94 21.42 -16.83
C GLU B 97 3.06 22.43 -16.71
N GLU B 98 3.96 22.43 -17.68
CA GLU B 98 5.09 23.34 -17.68
C GLU B 98 4.98 24.28 -18.88
N GLN B 99 5.18 25.58 -18.63
CA GLN B 99 5.09 26.60 -19.68
C GLN B 99 3.75 26.50 -20.38
N ASN B 100 2.73 26.07 -19.65
CA ASN B 100 1.43 25.93 -20.26
C ASN B 100 1.39 24.70 -21.18
N SER B 101 2.45 23.89 -21.17
CA SER B 101 2.46 22.69 -22.01
C SER B 101 2.52 21.42 -21.15
N VAL B 102 1.99 20.31 -21.68
CA VAL B 102 1.99 19.05 -20.95
C VAL B 102 3.31 18.36 -21.04
N VAL B 103 3.88 17.95 -19.91
CA VAL B 103 5.10 17.18 -19.95
C VAL B 103 4.79 15.86 -19.17
N CYS B 104 4.97 14.73 -19.84
CA CYS B 104 4.71 13.42 -19.22
C CYS B 104 5.97 12.78 -18.71
N SER B 105 5.86 12.03 -17.62
CA SER B 105 7.02 11.29 -17.11
C SER B 105 6.61 9.91 -16.53
N CYS B 106 7.56 9.16 -15.98
CA CYS B 106 7.29 7.79 -15.53
C CYS B 106 7.97 7.40 -14.24
N ALA B 107 7.38 6.43 -13.53
CA ALA B 107 7.96 5.94 -12.28
C ALA B 107 9.32 5.27 -12.55
N ARG B 108 10.10 5.02 -11.51
CA ARG B 108 11.40 4.35 -11.64
C ARG B 108 11.19 2.97 -12.24
N GLY B 109 11.96 2.63 -13.26
CA GLY B 109 11.84 1.32 -13.86
C GLY B 109 11.10 1.42 -15.16
N TYR B 110 10.79 2.64 -15.57
CA TYR B 110 10.11 2.83 -16.84
C TYR B 110 10.88 3.96 -17.55
N THR B 111 10.72 4.03 -18.85
CA THR B 111 11.36 5.09 -19.59
C THR B 111 10.27 5.61 -20.53
N LEU B 112 10.26 6.93 -20.67
CA LEU B 112 9.31 7.62 -21.51
C LEU B 112 9.48 7.19 -22.96
N ALA B 113 8.39 6.79 -23.61
CA ALA B 113 8.45 6.37 -25.00
C ALA B 113 8.75 7.52 -25.95
N ASP B 114 9.02 7.20 -27.21
CA ASP B 114 9.37 8.18 -28.22
C ASP B 114 8.26 9.21 -28.42
N ASN B 115 7.01 8.78 -28.29
CA ASN B 115 5.93 9.73 -28.41
C ASN B 115 5.87 10.68 -27.18
N GLY B 116 6.75 10.48 -26.21
CA GLY B 116 6.75 11.32 -25.02
C GLY B 116 5.53 11.23 -24.09
N LYS B 117 4.72 10.20 -24.30
CA LYS B 117 3.54 9.99 -23.50
C LYS B 117 3.53 8.60 -22.81
N ALA B 118 3.79 7.53 -23.58
CA ALA B 118 3.74 6.16 -22.98
C ALA B 118 4.94 5.88 -22.11
N CYS B 119 4.81 4.93 -21.19
CA CYS B 119 5.90 4.57 -20.29
C CYS B 119 6.21 3.12 -20.61
N ILE B 120 7.47 2.83 -20.84
CA ILE B 120 7.93 1.50 -21.26
C ILE B 120 8.75 0.86 -20.15
N PRO B 121 8.31 -0.32 -19.72
CA PRO B 121 8.98 -1.07 -18.65
C PRO B 121 10.40 -1.37 -19.11
N THR B 122 11.36 -1.19 -18.21
CA THR B 122 12.78 -1.38 -18.49
C THR B 122 13.33 -2.81 -18.24
N GLY B 123 12.50 -3.71 -17.73
CA GLY B 123 13.00 -5.03 -17.45
C GLY B 123 11.82 -5.83 -17.02
N PRO B 124 12.04 -7.07 -16.51
CA PRO B 124 10.87 -7.83 -16.09
C PRO B 124 10.50 -7.36 -14.69
N TYR B 125 9.25 -7.63 -14.35
CA TYR B 125 8.72 -7.22 -13.08
C TYR B 125 8.80 -5.71 -12.79
N PRO B 126 8.23 -4.91 -13.69
CA PRO B 126 8.23 -3.43 -13.51
C PRO B 126 7.22 -3.10 -12.35
N CYS B 127 7.47 -2.01 -11.60
CA CYS B 127 6.55 -1.69 -10.50
C CYS B 127 5.12 -1.51 -10.92
N GLY B 128 4.21 -1.84 -10.02
CA GLY B 128 2.80 -1.65 -10.32
C GLY B 128 2.16 -2.59 -11.30
N LYS B 129 2.84 -3.64 -11.74
CA LYS B 129 2.13 -4.55 -12.67
C LYS B 129 1.84 -5.88 -11.99
N GLN B 130 0.62 -6.34 -12.13
CA GLN B 130 0.25 -7.62 -11.56
C GLN B 130 1.10 -8.65 -12.36
N THR B 131 1.60 -9.71 -11.70
CA THR B 131 2.42 -10.72 -12.40
C THR B 131 1.63 -11.83 -13.12
N LEU B 132 1.96 -12.03 -14.40
CA LEU B 132 1.36 -13.08 -15.23
C LEU B 132 2.26 -14.33 -15.39
N GLU B 133 3.53 -14.23 -14.98
CA GLU B 133 4.44 -15.38 -15.03
C GLU B 133 5.67 -15.16 -14.14
CA CA C . 2.07 -20.40 1.49
C1 815 D . -6.70 -2.51 14.38
C2 815 D . -6.20 -2.27 13.07
C3 815 D . -7.07 -1.83 12.02
C4 815 D . -8.50 -1.63 12.27
C5 815 D . -9.02 -1.86 13.57
C6 815 D . -8.07 -2.33 14.68
C10 815 D . -6.56 -1.60 10.72
C11 815 D . -7.46 -1.17 9.73
N12 815 D . -8.81 -0.97 9.96
C13 815 D . -9.33 -1.20 11.21
C16 815 D . -8.25 5.23 17.94
C17 815 D . -7.40 6.09 17.27
C18 815 D . -6.58 7.01 17.96
C19 815 D . -6.63 7.04 19.37
N20 815 D . -7.47 6.22 20.06
C21 815 D . -8.28 5.31 19.39
C25 815 D . -9.23 4.34 19.92
C26 815 D . -9.86 3.59 18.92
S27 815 D . -9.32 4.05 17.35
N28 815 D . -8.72 -1.28 16.82
C29 815 D . -9.86 -0.66 17.19
C30 815 D . -9.50 0.62 17.92
C31 815 D . -8.03 0.40 18.28
C32 815 D . -7.51 -0.56 17.22
N37 815 D . -10.33 0.80 19.08
S38 815 D . -11.02 2.37 19.35
O39 815 D . -11.23 2.31 20.79
O40 815 D . -12.15 2.40 18.45
O41 815 D . -11.01 -1.04 16.97
N42 815 D . -10.65 -0.98 11.35
C43 815 D . -8.65 -2.54 16.06
#